data_1J93
#
_entry.id   1J93
#
_cell.length_a   158.44
_cell.length_b   158.44
_cell.length_c   67.68
_cell.angle_alpha   90
_cell.angle_beta   90
_cell.angle_gamma   120
#
_symmetry.space_group_name_H-M   'P 6 2 2'
#
loop_
_entity.id
_entity.type
_entity.pdbx_description
1 polymer 'UROPORPHYRINOGEN DECARBOXYLASE'
2 non-polymer 'SULFATE ION'
3 water water
#
_entity_poly.entity_id   1
_entity_poly.type   'polypeptide(L)'
_entity_poly.pdbx_seq_one_letter_code
;TVAEPKAINATQPLLLDAVRGKEVERPPVWLMRQAGRYMKSYQLLCEKYPLFRDRSENVDLVVEISLQPWKVFRPDGVIL
FSDILTPLSGMNIPFDIIKGKGPVIFDPLRTAADVEKVREFIPEKSVPYVGEALTILRKEVNNQAAVLGFVGAPFTLASY
VVEGGSSKNFTKIKRLAFAEPKVLHALLQKFATSMAKYIRYQADSGAQAVQIFDSWATELSPVDFEEFSLPYLKQIVDSV
KLTHPNLPLILYASGSGGLLERLPLTGVDVVSLDWTVDMADGRRRLGPNVAIQGNVDPGVLFGSKEFITNRINDTVKKAG
KGKHILNLGHGIKVGTPEENFAHFFEIAKGLRY
;
_entity_poly.pdbx_strand_id   A
#
loop_
_chem_comp.id
_chem_comp.type
_chem_comp.name
_chem_comp.formula
SO4 non-polymer 'SULFATE ION' 'O4 S -2'
#
# COMPACT_ATOMS: atom_id res chain seq x y z
N THR A 11 1.24 -23.09 -12.48
CA THR A 11 0.05 -22.54 -11.74
C THR A 11 0.40 -21.26 -10.97
N GLN A 12 -0.53 -20.31 -10.97
CA GLN A 12 -0.33 -19.02 -10.28
C GLN A 12 -1.12 -18.94 -8.97
N PRO A 13 -0.65 -18.11 -8.02
CA PRO A 13 -1.34 -17.97 -6.73
C PRO A 13 -2.77 -17.46 -6.88
N LEU A 14 -3.63 -17.84 -5.95
CA LEU A 14 -5.02 -17.46 -5.99
C LEU A 14 -5.19 -15.96 -6.19
N LEU A 15 -4.53 -15.17 -5.35
CA LEU A 15 -4.63 -13.71 -5.42
C LEU A 15 -4.50 -13.17 -6.83
N LEU A 16 -3.50 -13.65 -7.56
CA LEU A 16 -3.26 -13.20 -8.91
C LEU A 16 -4.37 -13.56 -9.88
N ASP A 17 -4.98 -14.73 -9.71
CA ASP A 17 -6.06 -15.12 -10.61
C ASP A 17 -7.31 -14.29 -10.36
N ALA A 18 -7.63 -14.13 -9.08
CA ALA A 18 -8.78 -13.35 -8.66
C ALA A 18 -8.67 -11.96 -9.28
N VAL A 19 -7.51 -11.34 -9.09
CA VAL A 19 -7.26 -10.01 -9.61
C VAL A 19 -7.35 -9.96 -11.13
N ARG A 20 -6.72 -10.94 -11.78
CA ARG A 20 -6.74 -10.99 -13.23
C ARG A 20 -8.14 -11.26 -13.73
N GLY A 21 -9.05 -11.55 -12.82
CA GLY A 21 -10.41 -11.82 -13.22
C GLY A 21 -10.66 -13.26 -13.59
N LYS A 22 -9.68 -14.12 -13.34
CA LYS A 22 -9.83 -15.54 -13.63
C LYS A 22 -10.77 -16.11 -12.60
N GLU A 23 -11.49 -17.17 -12.97
CA GLU A 23 -12.44 -17.80 -12.05
C GLU A 23 -11.70 -18.44 -10.90
N VAL A 24 -12.16 -18.17 -9.67
CA VAL A 24 -11.54 -18.73 -8.48
C VAL A 24 -12.63 -19.41 -7.66
N GLU A 25 -12.27 -20.34 -6.77
CA GLU A 25 -13.23 -21.06 -5.94
C GLU A 25 -13.47 -20.37 -4.61
N ARG A 26 -12.61 -19.42 -4.30
CA ARG A 26 -12.73 -18.65 -3.07
C ARG A 26 -11.97 -17.34 -3.21
N PRO A 27 -12.28 -16.37 -2.35
CA PRO A 27 -11.61 -15.06 -2.39
C PRO A 27 -10.25 -15.06 -1.72
N PRO A 28 -9.19 -14.68 -2.43
CA PRO A 28 -7.89 -14.68 -1.74
C PRO A 28 -8.03 -13.79 -0.51
N VAL A 29 -7.28 -14.07 0.53
CA VAL A 29 -7.40 -13.27 1.74
C VAL A 29 -6.11 -13.05 2.49
N TRP A 30 -5.97 -11.85 3.04
CA TRP A 30 -4.82 -11.48 3.86
C TRP A 30 -5.19 -10.20 4.63
N LEU A 31 -4.50 -9.95 5.73
CA LEU A 31 -4.77 -8.79 6.55
C LEU A 31 -3.62 -7.80 6.47
N MET A 32 -3.95 -6.52 6.47
CA MET A 32 -2.94 -5.48 6.35
C MET A 32 -2.32 -5.01 7.67
N ARG A 33 -1.24 -4.23 7.54
CA ARG A 33 -0.53 -3.65 8.67
C ARG A 33 0.05 -4.73 9.56
N GLN A 34 0.52 -5.66 8.71
CA GLN A 34 1.06 -6.87 9.29
C GLN A 34 2.21 -6.47 10.19
N ALA A 35 1.84 -5.74 11.22
CA ALA A 35 2.76 -5.20 12.19
C ALA A 35 3.66 -6.20 12.88
N GLY A 36 4.96 -5.91 12.85
CA GLY A 36 5.92 -6.73 13.57
C GLY A 36 5.62 -6.35 15.01
N ARG A 37 4.81 -5.30 15.13
CA ARG A 37 4.34 -4.73 16.37
C ARG A 37 2.90 -5.19 16.67
N TYR A 38 2.62 -6.43 16.29
CA TYR A 38 1.33 -7.06 16.51
C TYR A 38 1.65 -8.41 17.12
N MET A 39 2.73 -9.00 16.62
CA MET A 39 3.21 -10.29 17.08
C MET A 39 4.33 -10.09 18.11
N LYS A 40 4.70 -8.84 18.36
CA LYS A 40 5.76 -8.50 19.30
C LYS A 40 7.11 -9.04 18.79
N SER A 41 7.13 -9.38 17.50
CA SER A 41 8.33 -9.91 16.85
C SER A 41 9.22 -8.77 16.33
N TYR A 42 8.61 -7.65 15.98
CA TYR A 42 9.37 -6.49 15.51
C TYR A 42 9.75 -5.69 16.75
N GLN A 43 8.98 -5.90 17.82
CA GLN A 43 9.20 -5.23 19.10
C GLN A 43 10.48 -5.71 19.81
N LEU A 44 10.78 -7.03 19.62
CA LEU A 44 11.99 -7.63 20.23
C LEU A 44 13.23 -7.34 19.36
N LEU A 45 12.99 -7.29 18.06
CA LEU A 45 14.04 -7.01 17.06
C LEU A 45 14.33 -5.51 16.99
N CYS A 46 13.33 -4.76 17.44
CA CYS A 46 13.38 -3.29 17.44
C CYS A 46 14.17 -2.79 18.66
N GLU A 47 14.09 -3.64 19.77
CA GLU A 47 14.81 -3.30 21.00
C GLU A 47 16.34 -3.28 20.71
N LYS A 48 16.81 -4.26 19.87
CA LYS A 48 18.26 -4.34 19.44
C LYS A 48 18.48 -3.22 18.32
N TYR A 49 18.98 -2.19 18.98
CA TYR A 49 19.41 -0.73 18.74
C TYR A 49 19.24 0.02 17.36
N PRO A 50 19.69 -0.03 16.13
CA PRO A 50 19.19 1.00 15.20
C PRO A 50 17.66 1.05 15.13
N LEU A 51 17.18 2.31 15.14
CA LEU A 51 15.74 2.67 15.08
C LEU A 51 15.33 2.96 13.62
N PHE A 52 16.25 3.68 12.90
CA PHE A 52 16.06 4.01 11.48
C PHE A 52 16.41 2.77 10.64
N ARG A 53 17.53 2.16 11.10
CA ARG A 53 18.00 0.91 10.49
C ARG A 53 17.17 -0.29 10.90
N ASP A 54 16.52 -0.21 12.06
CA ASP A 54 15.69 -1.29 12.59
C ASP A 54 14.37 -1.44 11.84
N ARG A 55 13.66 -0.33 11.66
CA ARG A 55 12.39 -0.34 10.96
C ARG A 55 12.51 0.04 9.49
N SER A 56 12.35 -0.96 8.62
CA SER A 56 12.43 -0.79 7.16
C SER A 56 13.80 -0.36 6.64
N GLU A 57 14.73 -1.31 6.57
CA GLU A 57 16.07 -1.03 6.05
C GLU A 57 16.82 -2.33 5.73
N ASN A 58 17.19 -3.08 6.77
CA ASN A 58 17.93 -4.34 6.58
C ASN A 58 17.09 -5.41 5.86
N VAL A 59 17.80 -6.34 5.22
CA VAL A 59 17.16 -7.42 4.48
C VAL A 59 16.62 -8.52 5.38
N ASP A 60 17.39 -8.88 6.41
CA ASP A 60 16.99 -9.96 7.32
C ASP A 60 15.87 -9.58 8.25
N LEU A 61 15.68 -8.29 8.47
CA LEU A 61 14.65 -7.84 9.41
C LEU A 61 13.42 -7.42 8.61
N VAL A 62 13.67 -7.23 7.31
CA VAL A 62 12.62 -6.86 6.40
C VAL A 62 11.92 -8.16 6.09
N VAL A 63 12.72 -9.16 5.70
CA VAL A 63 12.22 -10.49 5.36
C VAL A 63 11.50 -11.11 6.53
N GLU A 64 11.93 -10.77 7.74
CA GLU A 64 11.30 -11.32 8.94
C GLU A 64 9.99 -10.62 9.29
N ILE A 65 10.00 -9.30 9.29
CA ILE A 65 8.79 -8.55 9.62
C ILE A 65 7.75 -8.88 8.56
N SER A 66 8.19 -8.88 7.30
CA SER A 66 7.31 -9.18 6.17
C SER A 66 6.68 -10.54 6.31
N LEU A 67 7.51 -11.50 6.68
CA LEU A 67 7.13 -12.90 6.84
C LEU A 67 6.34 -13.22 8.11
N GLN A 68 6.35 -12.30 9.07
CA GLN A 68 5.66 -12.52 10.35
C GLN A 68 4.25 -13.12 10.20
N PRO A 69 3.37 -12.47 9.43
CA PRO A 69 2.02 -13.02 9.27
C PRO A 69 1.94 -14.33 8.48
N TRP A 70 2.80 -14.48 7.47
CA TRP A 70 2.81 -15.69 6.65
C TRP A 70 2.91 -16.97 7.45
N LYS A 71 3.82 -16.99 8.43
CA LYS A 71 4.04 -18.15 9.26
C LYS A 71 2.85 -18.56 10.13
N VAL A 72 2.21 -17.59 10.76
CA VAL A 72 1.07 -17.91 11.61
C VAL A 72 -0.21 -18.32 10.89
N PHE A 73 -0.54 -17.63 9.80
CA PHE A 73 -1.79 -17.93 9.09
C PHE A 73 -1.69 -18.30 7.62
N ARG A 74 -0.51 -18.20 7.04
CA ARG A 74 -0.36 -18.53 5.63
C ARG A 74 -1.39 -17.83 4.74
N PRO A 75 -1.43 -16.49 4.78
CA PRO A 75 -2.38 -15.71 3.97
C PRO A 75 -2.07 -15.82 2.47
N ASP A 76 -3.06 -15.48 1.64
CA ASP A 76 -2.91 -15.54 0.19
C ASP A 76 -2.03 -14.42 -0.33
N GLY A 77 -1.65 -13.50 0.54
CA GLY A 77 -0.80 -12.40 0.13
C GLY A 77 0.16 -11.99 1.23
N VAL A 78 1.40 -11.67 0.86
CA VAL A 78 2.37 -11.24 1.86
C VAL A 78 3.02 -10.00 1.28
N ILE A 79 2.88 -8.87 1.98
CA ILE A 79 3.42 -7.62 1.48
C ILE A 79 4.80 -7.24 2.05
N LEU A 80 5.59 -6.56 1.22
CA LEU A 80 6.92 -6.12 1.61
C LEU A 80 6.82 -5.07 2.69
N PHE A 81 7.55 -5.28 3.79
CA PHE A 81 7.53 -4.32 4.88
C PHE A 81 8.65 -3.31 4.67
N SER A 82 8.33 -2.19 4.02
CA SER A 82 9.31 -1.15 3.76
C SER A 82 8.62 0.21 3.80
N ASP A 83 9.16 1.13 4.61
CA ASP A 83 8.60 2.47 4.73
C ASP A 83 8.62 3.16 3.38
N ILE A 84 7.46 3.62 2.93
CA ILE A 84 7.33 4.28 1.64
C ILE A 84 8.28 5.46 1.46
N LEU A 85 8.85 5.97 2.54
CA LEU A 85 9.75 7.12 2.47
C LEU A 85 11.19 6.75 2.16
N THR A 86 11.51 5.48 2.37
CA THR A 86 12.85 4.97 2.11
C THR A 86 13.54 5.59 0.88
N PRO A 87 12.84 5.67 -0.26
CA PRO A 87 13.49 6.25 -1.44
C PRO A 87 13.92 7.70 -1.31
N LEU A 88 13.42 8.41 -0.30
CA LEU A 88 13.76 9.82 -0.15
C LEU A 88 15.27 10.06 -0.15
N SER A 89 15.98 9.35 0.71
CA SER A 89 17.43 9.49 0.82
C SER A 89 18.12 9.44 -0.54
N GLY A 90 17.87 8.37 -1.29
CA GLY A 90 18.48 8.23 -2.59
C GLY A 90 18.01 9.25 -3.61
N MET A 91 16.90 9.91 -3.32
CA MET A 91 16.37 10.91 -4.24
C MET A 91 16.88 12.30 -3.87
N ASN A 92 17.76 12.35 -2.87
CA ASN A 92 18.36 13.59 -2.38
C ASN A 92 17.48 14.40 -1.43
N ILE A 93 16.61 13.72 -0.71
CA ILE A 93 15.75 14.42 0.23
C ILE A 93 16.03 13.83 1.61
N PRO A 94 17.04 14.37 2.30
CA PRO A 94 17.45 13.93 3.62
C PRO A 94 16.32 13.93 4.63
N PHE A 95 16.20 12.84 5.36
CA PHE A 95 15.17 12.70 6.36
C PHE A 95 15.59 11.62 7.36
N ASP A 96 14.77 11.43 8.40
CA ASP A 96 15.02 10.41 9.43
C ASP A 96 13.76 10.27 10.29
N ILE A 97 13.62 9.13 10.97
CA ILE A 97 12.46 8.91 11.81
C ILE A 97 12.81 9.25 13.25
N ILE A 98 12.51 10.47 13.66
CA ILE A 98 12.79 10.92 15.02
C ILE A 98 11.81 10.29 15.99
N LYS A 99 12.33 9.77 17.09
CA LYS A 99 11.50 9.13 18.12
C LYS A 99 10.41 10.03 18.68
N GLY A 100 9.17 9.75 18.31
CA GLY A 100 8.06 10.53 18.81
C GLY A 100 7.47 11.48 17.78
N LYS A 101 8.30 11.97 16.87
CA LYS A 101 7.84 12.89 15.83
C LYS A 101 7.58 12.12 14.54
N GLY A 102 8.12 10.90 14.47
CA GLY A 102 7.94 10.09 13.29
C GLY A 102 8.90 10.58 12.21
N PRO A 103 8.43 10.73 10.97
CA PRO A 103 9.32 11.19 9.91
C PRO A 103 9.56 12.69 9.95
N VAL A 104 10.75 13.09 9.55
CA VAL A 104 11.10 14.50 9.52
C VAL A 104 12.08 14.72 8.39
N ILE A 105 11.69 15.53 7.41
CA ILE A 105 12.55 15.83 6.29
C ILE A 105 13.24 17.08 6.80
N PHE A 106 14.56 17.10 6.74
CA PHE A 106 15.32 18.23 7.25
C PHE A 106 15.15 19.52 6.47
N ASP A 107 15.08 19.44 5.14
CA ASP A 107 14.90 20.64 4.35
C ASP A 107 13.65 20.55 3.45
N PRO A 108 12.47 20.84 4.00
CA PRO A 108 11.22 20.78 3.24
C PRO A 108 11.23 21.57 1.93
N LEU A 109 10.94 20.89 0.82
CA LEU A 109 10.94 21.53 -0.49
C LEU A 109 9.96 22.68 -0.43
N ARG A 110 10.25 23.75 -1.18
CA ARG A 110 9.39 24.92 -1.18
C ARG A 110 9.45 25.75 -2.45
N THR A 111 10.54 25.61 -3.20
CA THR A 111 10.70 26.39 -4.42
C THR A 111 11.01 25.50 -5.61
N ALA A 112 10.85 26.04 -6.81
CA ALA A 112 11.14 25.28 -8.00
C ALA A 112 12.60 24.85 -7.90
N ALA A 113 13.42 25.75 -7.36
CA ALA A 113 14.84 25.51 -7.20
C ALA A 113 15.09 24.27 -6.33
N ASP A 114 14.31 24.11 -5.28
CA ASP A 114 14.46 22.94 -4.41
C ASP A 114 14.08 21.68 -5.15
N VAL A 115 13.01 21.75 -5.94
CA VAL A 115 12.52 20.61 -6.71
C VAL A 115 13.56 20.16 -7.72
N GLU A 116 14.19 21.11 -8.40
CA GLU A 116 15.19 20.79 -9.39
C GLU A 116 16.35 20.01 -8.77
N LYS A 117 16.59 20.22 -7.48
CA LYS A 117 17.66 19.54 -6.77
C LYS A 117 17.38 18.05 -6.64
N VAL A 118 16.10 17.70 -6.54
CA VAL A 118 15.65 16.32 -6.37
C VAL A 118 16.29 15.38 -7.38
N ARG A 119 16.81 14.25 -6.90
CA ARG A 119 17.48 13.27 -7.75
C ARG A 119 16.63 12.04 -8.10
N GLU A 120 16.70 11.63 -9.36
CA GLU A 120 15.94 10.47 -9.80
C GLU A 120 16.42 9.22 -9.07
N PHE A 121 15.47 8.51 -8.47
CA PHE A 121 15.75 7.29 -7.72
C PHE A 121 16.37 6.19 -8.57
N ILE A 122 17.28 5.43 -7.96
CA ILE A 122 17.95 4.29 -8.59
C ILE A 122 17.93 3.20 -7.51
N PRO A 123 16.83 2.45 -7.44
CA PRO A 123 16.63 1.37 -6.47
C PRO A 123 17.79 0.39 -6.30
N GLU A 124 18.29 -0.14 -7.41
CA GLU A 124 19.40 -1.09 -7.36
C GLU A 124 20.56 -0.53 -6.56
N LYS A 125 20.80 0.76 -6.73
CA LYS A 125 21.88 1.41 -6.04
C LYS A 125 21.53 1.89 -4.64
N SER A 126 20.34 2.47 -4.47
CA SER A 126 19.92 3.01 -3.18
C SER A 126 19.22 2.06 -2.21
N VAL A 127 18.56 1.03 -2.70
CA VAL A 127 17.86 0.09 -1.81
C VAL A 127 17.99 -1.33 -2.36
N PRO A 128 19.23 -1.81 -2.54
CA PRO A 128 19.42 -3.15 -3.07
C PRO A 128 18.81 -4.19 -2.14
N TYR A 129 18.77 -3.86 -0.86
CA TYR A 129 18.22 -4.79 0.11
C TYR A 129 16.75 -5.05 -0.11
N VAL A 130 16.06 -4.08 -0.71
CA VAL A 130 14.64 -4.22 -0.98
C VAL A 130 14.47 -5.33 -2.03
N GLY A 131 15.21 -5.23 -3.12
CA GLY A 131 15.11 -6.23 -4.17
C GLY A 131 15.56 -7.60 -3.72
N GLU A 132 16.40 -7.64 -2.69
CA GLU A 132 16.92 -8.88 -2.16
C GLU A 132 15.89 -9.52 -1.25
N ALA A 133 15.28 -8.70 -0.40
CA ALA A 133 14.28 -9.21 0.52
C ALA A 133 13.12 -9.78 -0.28
N LEU A 134 12.82 -9.15 -1.42
CA LEU A 134 11.74 -9.59 -2.27
C LEU A 134 12.01 -10.93 -2.93
N THR A 135 13.24 -11.14 -3.40
CA THR A 135 13.61 -12.41 -4.03
C THR A 135 13.60 -13.51 -2.96
N ILE A 136 13.92 -13.14 -1.73
CA ILE A 136 13.93 -14.09 -0.62
C ILE A 136 12.49 -14.45 -0.26
N LEU A 137 11.67 -13.41 -0.07
CA LEU A 137 10.26 -13.59 0.28
C LEU A 137 9.59 -14.49 -0.75
N ARG A 138 9.95 -14.28 -2.01
CA ARG A 138 9.40 -15.05 -3.13
C ARG A 138 9.71 -16.54 -2.97
N LYS A 139 10.94 -16.85 -2.57
CA LYS A 139 11.35 -18.24 -2.38
C LYS A 139 10.69 -18.86 -1.15
N GLU A 140 10.58 -18.06 -0.09
CA GLU A 140 9.96 -18.52 1.14
C GLU A 140 8.52 -18.97 0.93
N VAL A 141 7.72 -18.14 0.29
CA VAL A 141 6.32 -18.43 0.03
C VAL A 141 6.12 -19.56 -0.98
N ASN A 142 7.06 -19.68 -1.93
CA ASN A 142 7.00 -20.71 -2.95
C ASN A 142 5.65 -20.78 -3.67
N ASN A 143 5.28 -19.66 -4.27
CA ASN A 143 4.04 -19.52 -5.03
C ASN A 143 2.81 -20.14 -4.36
N GLN A 144 2.81 -20.11 -3.04
CA GLN A 144 1.71 -20.63 -2.24
C GLN A 144 0.95 -19.40 -1.72
N ALA A 145 1.37 -18.23 -2.20
CA ALA A 145 0.79 -16.94 -1.85
C ALA A 145 1.41 -15.95 -2.83
N ALA A 146 0.86 -14.75 -2.91
CA ALA A 146 1.43 -13.77 -3.82
C ALA A 146 2.28 -12.82 -3.02
N VAL A 147 3.45 -12.47 -3.55
CA VAL A 147 4.32 -11.53 -2.88
C VAL A 147 4.00 -10.16 -3.46
N LEU A 148 3.59 -9.25 -2.58
CA LEU A 148 3.20 -7.90 -2.96
C LEU A 148 4.23 -6.80 -2.66
N GLY A 149 4.53 -6.00 -3.67
CA GLY A 149 5.47 -4.90 -3.50
C GLY A 149 4.74 -3.80 -2.76
N PHE A 150 5.41 -2.68 -2.53
CA PHE A 150 4.77 -1.57 -1.83
C PHE A 150 5.56 -0.28 -2.06
N VAL A 151 4.91 0.72 -2.63
CA VAL A 151 5.57 1.98 -2.88
C VAL A 151 4.64 3.12 -2.51
N GLY A 152 5.20 4.31 -2.33
CA GLY A 152 4.41 5.46 -1.98
C GLY A 152 4.03 6.19 -3.25
N ALA A 153 2.88 6.84 -3.24
CA ALA A 153 2.43 7.57 -4.43
C ALA A 153 3.00 8.98 -4.44
N PRO A 154 3.08 9.58 -5.64
CA PRO A 154 3.61 10.93 -5.84
C PRO A 154 3.04 12.01 -4.89
N PHE A 155 1.73 12.10 -4.78
CA PHE A 155 1.16 13.12 -3.91
C PHE A 155 1.45 12.90 -2.44
N THR A 156 1.22 11.69 -1.95
CA THR A 156 1.49 11.41 -0.54
C THR A 156 2.95 11.67 -0.24
N LEU A 157 3.82 11.30 -1.19
CA LEU A 157 5.25 11.52 -1.03
C LEU A 157 5.55 13.02 -0.96
N ALA A 158 5.15 13.76 -1.99
CA ALA A 158 5.38 15.20 -2.01
C ALA A 158 4.83 15.82 -0.75
N SER A 159 3.72 15.28 -0.26
CA SER A 159 3.10 15.80 0.96
C SER A 159 4.06 15.73 2.14
N TYR A 160 4.78 14.63 2.25
CA TYR A 160 5.72 14.45 3.33
C TYR A 160 6.92 15.39 3.22
N VAL A 161 7.47 15.50 2.02
CA VAL A 161 8.64 16.35 1.84
C VAL A 161 8.34 17.83 1.86
N VAL A 162 7.11 18.22 1.58
CA VAL A 162 6.77 19.64 1.61
C VAL A 162 6.32 20.02 3.02
N GLU A 163 5.55 19.15 3.66
CA GLU A 163 5.08 19.40 5.03
C GLU A 163 6.24 19.26 6.01
N GLY A 164 7.30 18.58 5.59
CA GLY A 164 8.45 18.37 6.46
C GLY A 164 8.31 17.09 7.27
N GLY A 165 7.10 16.53 7.28
CA GLY A 165 6.84 15.30 8.01
C GLY A 165 5.35 14.99 8.10
N SER A 166 4.98 14.12 9.02
CA SER A 166 3.57 13.79 9.17
C SER A 166 2.78 15.08 9.36
N SER A 167 1.58 15.12 8.78
CA SER A 167 0.74 16.29 8.89
C SER A 167 -0.71 15.89 9.12
N LYS A 168 -1.48 16.76 9.74
CA LYS A 168 -2.88 16.47 10.00
C LYS A 168 -3.74 17.56 9.35
N ASN A 169 -3.10 18.64 8.93
CA ASN A 169 -3.78 19.77 8.32
C ASN A 169 -3.33 20.02 6.88
N PHE A 170 -2.10 19.64 6.56
CA PHE A 170 -1.57 19.77 5.20
C PHE A 170 -1.68 21.17 4.58
N THR A 171 -1.61 22.20 5.41
CA THR A 171 -1.74 23.57 4.95
C THR A 171 -0.53 24.02 4.11
N LYS A 172 0.59 23.32 4.25
CA LYS A 172 1.78 23.68 3.50
C LYS A 172 1.77 23.09 2.10
N ILE A 173 1.35 21.84 1.98
CA ILE A 173 1.30 21.19 0.68
C ILE A 173 0.17 21.83 -0.12
N LYS A 174 -0.96 22.09 0.55
CA LYS A 174 -2.10 22.71 -0.10
C LYS A 174 -1.80 24.14 -0.50
N ARG A 175 -1.08 24.87 0.34
CA ARG A 175 -0.72 26.24 0.00
C ARG A 175 0.13 26.15 -1.27
N LEU A 176 1.05 25.20 -1.31
CA LEU A 176 1.89 25.05 -2.50
C LEU A 176 1.05 24.65 -3.70
N ALA A 177 0.12 23.72 -3.48
CA ALA A 177 -0.77 23.25 -4.54
C ALA A 177 -1.66 24.36 -5.06
N PHE A 178 -2.27 25.09 -4.13
CA PHE A 178 -3.21 26.17 -4.44
C PHE A 178 -2.64 27.56 -4.65
N ALA A 179 -1.34 27.74 -4.48
CA ALA A 179 -0.73 29.06 -4.68
C ALA A 179 0.42 29.02 -5.69
N GLU A 180 1.13 27.90 -5.71
CA GLU A 180 2.27 27.70 -6.63
C GLU A 180 2.21 26.30 -7.25
N PRO A 181 1.13 25.99 -7.98
CA PRO A 181 0.96 24.68 -8.61
C PRO A 181 2.09 24.18 -9.49
N LYS A 182 2.73 25.08 -10.25
CA LYS A 182 3.80 24.66 -11.13
C LYS A 182 4.93 23.97 -10.36
N VAL A 183 5.24 24.48 -9.19
CA VAL A 183 6.29 23.92 -8.35
C VAL A 183 5.91 22.52 -7.89
N LEU A 184 4.67 22.37 -7.41
CA LEU A 184 4.20 21.09 -6.93
C LEU A 184 4.07 20.10 -8.06
N HIS A 185 3.67 20.57 -9.24
CA HIS A 185 3.52 19.67 -10.39
C HIS A 185 4.87 19.13 -10.82
N ALA A 186 5.90 19.95 -10.67
CA ALA A 186 7.24 19.53 -11.05
C ALA A 186 7.75 18.47 -10.08
N LEU A 187 7.41 18.63 -8.81
CA LEU A 187 7.84 17.69 -7.80
C LEU A 187 7.05 16.38 -7.94
N LEU A 188 5.74 16.50 -8.25
CA LEU A 188 4.88 15.34 -8.42
C LEU A 188 5.37 14.52 -9.59
N GLN A 189 5.86 15.21 -10.60
CA GLN A 189 6.38 14.56 -11.79
C GLN A 189 7.59 13.72 -11.42
N LYS A 190 8.50 14.31 -10.66
CA LYS A 190 9.71 13.63 -10.23
C LYS A 190 9.41 12.35 -9.45
N PHE A 191 8.39 12.40 -8.59
CA PHE A 191 8.01 11.24 -7.79
C PHE A 191 7.35 10.19 -8.66
N ALA A 192 6.63 10.63 -9.69
CA ALA A 192 5.96 9.71 -10.58
C ALA A 192 7.00 8.89 -11.34
N THR A 193 7.91 9.59 -12.00
CA THR A 193 8.97 8.93 -12.76
C THR A 193 9.80 8.00 -11.90
N SER A 194 10.11 8.44 -10.68
CA SER A 194 10.91 7.67 -9.74
C SER A 194 10.18 6.49 -9.13
N MET A 195 8.90 6.66 -8.82
CA MET A 195 8.15 5.57 -8.22
C MET A 195 7.80 4.50 -9.26
N ALA A 196 7.76 4.89 -10.53
CA ALA A 196 7.47 3.93 -11.58
C ALA A 196 8.68 3.01 -11.62
N LYS A 197 9.86 3.60 -11.70
CA LYS A 197 11.12 2.85 -11.71
C LYS A 197 11.19 1.90 -10.53
N TYR A 198 10.78 2.39 -9.36
CA TYR A 198 10.79 1.60 -8.14
C TYR A 198 9.86 0.39 -8.26
N ILE A 199 8.75 0.56 -8.96
CA ILE A 199 7.80 -0.52 -9.15
C ILE A 199 8.41 -1.59 -10.03
N ARG A 200 9.11 -1.17 -11.08
CA ARG A 200 9.75 -2.11 -11.98
C ARG A 200 10.84 -2.89 -11.25
N TYR A 201 11.55 -2.21 -10.35
CA TYR A 201 12.61 -2.85 -9.58
C TYR A 201 12.05 -3.96 -8.71
N GLN A 202 11.01 -3.64 -7.93
CA GLN A 202 10.38 -4.62 -7.05
C GLN A 202 9.76 -5.78 -7.82
N ALA A 203 9.17 -5.49 -8.98
CA ALA A 203 8.57 -6.55 -9.77
C ALA A 203 9.68 -7.43 -10.29
N ASP A 204 10.76 -6.78 -10.73
CA ASP A 204 11.93 -7.46 -11.25
C ASP A 204 12.60 -8.28 -10.14
N SER A 205 12.35 -7.93 -8.88
CA SER A 205 12.94 -8.60 -7.73
C SER A 205 12.05 -9.66 -7.09
N GLY A 206 10.93 -9.97 -7.75
CA GLY A 206 10.03 -10.98 -7.21
C GLY A 206 8.62 -10.55 -6.88
N ALA A 207 8.36 -9.24 -6.82
CA ALA A 207 7.01 -8.76 -6.51
C ALA A 207 6.09 -9.17 -7.64
N GLN A 208 4.95 -9.76 -7.30
CA GLN A 208 4.00 -10.22 -8.32
C GLN A 208 2.80 -9.30 -8.48
N ALA A 209 2.77 -8.27 -7.65
CA ALA A 209 1.73 -7.27 -7.65
C ALA A 209 2.29 -6.19 -6.73
N VAL A 210 2.09 -4.93 -7.06
CA VAL A 210 2.60 -3.87 -6.20
C VAL A 210 1.48 -2.97 -5.74
N GLN A 211 1.45 -2.70 -4.44
CA GLN A 211 0.44 -1.83 -3.86
C GLN A 211 1.01 -0.42 -3.72
N ILE A 212 0.25 0.55 -4.21
CA ILE A 212 0.64 1.97 -4.19
C ILE A 212 -0.13 2.75 -3.11
N PHE A 213 0.60 3.37 -2.21
CA PHE A 213 0.01 4.12 -1.10
C PHE A 213 -0.15 5.61 -1.41
N ASP A 214 -1.39 6.09 -1.33
CA ASP A 214 -1.68 7.51 -1.59
C ASP A 214 -2.84 8.00 -0.75
N SER A 215 -2.94 7.48 0.47
CA SER A 215 -4.02 7.84 1.36
C SER A 215 -4.08 9.35 1.60
N TRP A 216 -2.94 10.02 1.56
CA TRP A 216 -2.92 11.46 1.81
C TRP A 216 -3.60 12.28 0.72
N ALA A 217 -3.71 11.70 -0.47
CA ALA A 217 -4.34 12.39 -1.58
C ALA A 217 -5.84 12.52 -1.37
N THR A 218 -6.40 11.72 -0.44
CA THR A 218 -7.83 11.80 -0.15
C THR A 218 -8.13 12.97 0.78
N GLU A 219 -7.13 13.81 0.99
CA GLU A 219 -7.29 14.99 1.81
C GLU A 219 -7.73 16.07 0.85
N LEU A 220 -7.56 15.77 -0.44
CA LEU A 220 -7.88 16.68 -1.53
C LEU A 220 -9.32 16.56 -2.00
N SER A 221 -9.90 17.69 -2.39
CA SER A 221 -11.25 17.71 -2.93
C SER A 221 -11.10 17.01 -4.27
N PRO A 222 -12.11 16.25 -4.69
CA PRO A 222 -12.06 15.53 -5.97
C PRO A 222 -11.45 16.30 -7.14
N VAL A 223 -11.85 17.55 -7.35
CA VAL A 223 -11.29 18.34 -8.46
C VAL A 223 -9.80 18.60 -8.23
N ASP A 224 -9.39 18.66 -6.96
CA ASP A 224 -7.99 18.89 -6.64
C ASP A 224 -7.26 17.55 -6.83
N PHE A 225 -7.93 16.49 -6.41
CA PHE A 225 -7.39 15.14 -6.54
C PHE A 225 -7.18 14.89 -8.03
N GLU A 226 -8.10 15.38 -8.84
CA GLU A 226 -8.02 15.19 -10.28
C GLU A 226 -6.81 15.89 -10.86
N GLU A 227 -6.22 16.81 -10.11
CA GLU A 227 -5.07 17.53 -10.63
C GLU A 227 -3.73 17.21 -9.97
N PHE A 228 -3.73 16.96 -8.68
CA PHE A 228 -2.46 16.71 -8.01
C PHE A 228 -2.17 15.27 -7.59
N SER A 229 -3.07 14.36 -7.94
CA SER A 229 -2.85 12.96 -7.60
C SER A 229 -3.16 12.07 -8.79
N LEU A 230 -4.43 12.05 -9.18
CA LEU A 230 -4.89 11.22 -10.29
C LEU A 230 -3.94 11.20 -11.50
N PRO A 231 -3.57 12.37 -12.02
CA PRO A 231 -2.66 12.41 -13.18
C PRO A 231 -1.35 11.65 -13.01
N TYR A 232 -0.75 11.75 -11.82
CA TYR A 232 0.52 11.10 -11.56
C TYR A 232 0.40 9.62 -11.21
N LEU A 233 -0.75 9.22 -10.68
CA LEU A 233 -0.99 7.82 -10.38
C LEU A 233 -1.16 7.16 -11.75
N LYS A 234 -1.87 7.86 -12.64
CA LYS A 234 -2.12 7.37 -13.98
C LYS A 234 -0.82 7.23 -14.76
N GLN A 235 0.07 8.20 -14.59
CA GLN A 235 1.35 8.16 -15.29
C GLN A 235 2.13 6.90 -14.91
N ILE A 236 2.16 6.61 -13.62
CA ILE A 236 2.88 5.44 -13.15
C ILE A 236 2.26 4.20 -13.80
N VAL A 237 0.95 4.06 -13.65
CA VAL A 237 0.30 2.90 -14.22
C VAL A 237 0.57 2.76 -15.72
N ASP A 238 0.36 3.83 -16.48
CA ASP A 238 0.57 3.77 -17.92
C ASP A 238 2.00 3.41 -18.28
N SER A 239 2.94 3.97 -17.52
CA SER A 239 4.35 3.73 -17.76
C SER A 239 4.74 2.33 -17.40
N VAL A 240 4.26 1.85 -16.26
CA VAL A 240 4.58 0.51 -15.81
C VAL A 240 3.93 -0.55 -16.68
N LYS A 241 2.68 -0.31 -17.07
CA LYS A 241 1.94 -1.24 -17.91
C LYS A 241 2.67 -1.43 -19.22
N LEU A 242 3.48 -0.45 -19.59
CA LEU A 242 4.22 -0.50 -20.83
C LEU A 242 5.38 -1.49 -20.77
N THR A 243 6.09 -1.51 -19.64
CA THR A 243 7.24 -2.39 -19.48
C THR A 243 6.92 -3.70 -18.75
N HIS A 244 5.93 -3.66 -17.87
CA HIS A 244 5.51 -4.84 -17.12
C HIS A 244 4.00 -5.01 -17.28
N PRO A 245 3.56 -5.27 -18.52
CA PRO A 245 2.17 -5.43 -18.91
C PRO A 245 1.28 -6.25 -17.99
N ASN A 246 1.83 -7.30 -17.39
CA ASN A 246 1.02 -8.15 -16.55
C ASN A 246 1.13 -7.94 -15.06
N LEU A 247 1.89 -6.93 -14.64
CA LEU A 247 2.05 -6.69 -13.22
C LEU A 247 0.86 -5.94 -12.65
N PRO A 248 0.07 -6.61 -11.80
CA PRO A 248 -1.10 -5.95 -11.22
C PRO A 248 -0.69 -4.84 -10.27
N LEU A 249 -1.38 -3.71 -10.34
CA LEU A 249 -1.10 -2.59 -9.45
C LEU A 249 -2.30 -2.38 -8.52
N ILE A 250 -2.05 -2.22 -7.22
CA ILE A 250 -3.12 -2.03 -6.25
C ILE A 250 -3.08 -0.64 -5.64
N LEU A 251 -4.18 0.11 -5.75
CA LEU A 251 -4.22 1.43 -5.16
C LEU A 251 -4.86 1.37 -3.80
N TYR A 252 -4.18 1.95 -2.82
CA TYR A 252 -4.67 2.00 -1.46
C TYR A 252 -4.67 3.45 -1.07
N ALA A 253 -5.82 3.92 -0.63
CA ALA A 253 -5.96 5.31 -0.21
C ALA A 253 -7.19 5.35 0.68
N SER A 254 -6.99 5.37 2.00
CA SER A 254 -8.13 5.41 2.90
C SER A 254 -8.82 6.77 2.82
N GLY A 255 -10.12 6.78 3.07
CA GLY A 255 -10.86 8.02 2.99
C GLY A 255 -11.11 8.40 1.56
N SER A 256 -11.35 7.40 0.71
CA SER A 256 -11.59 7.63 -0.71
C SER A 256 -13.08 7.62 -1.05
N GLY A 257 -13.91 7.58 -0.01
CA GLY A 257 -15.35 7.55 -0.19
C GLY A 257 -15.93 8.55 -1.18
N GLY A 258 -15.29 9.69 -1.35
CA GLY A 258 -15.81 10.67 -2.30
C GLY A 258 -15.08 10.68 -3.62
N LEU A 259 -14.08 9.82 -3.75
CA LEU A 259 -13.27 9.73 -4.95
C LEU A 259 -13.44 8.43 -5.74
N LEU A 260 -14.26 7.53 -5.21
CA LEU A 260 -14.44 6.24 -5.85
C LEU A 260 -14.52 6.27 -7.38
N GLU A 261 -15.46 7.04 -7.91
CA GLU A 261 -15.62 7.10 -9.35
C GLU A 261 -14.38 7.46 -10.14
N ARG A 262 -13.44 8.19 -9.55
CA ARG A 262 -12.24 8.54 -10.30
C ARG A 262 -11.07 7.58 -10.12
N LEU A 263 -11.10 6.75 -9.09
CA LEU A 263 -9.98 5.83 -8.87
C LEU A 263 -9.69 4.95 -10.10
N PRO A 264 -10.73 4.34 -10.67
CA PRO A 264 -10.52 3.49 -11.84
C PRO A 264 -9.83 4.21 -12.99
N LEU A 265 -10.05 5.51 -13.10
CA LEU A 265 -9.45 6.27 -14.18
C LEU A 265 -7.92 6.28 -14.12
N THR A 266 -7.35 5.84 -12.99
CA THR A 266 -5.89 5.80 -12.85
C THR A 266 -5.38 4.62 -13.65
N GLY A 267 -6.24 3.63 -13.85
CA GLY A 267 -5.85 2.46 -14.61
C GLY A 267 -5.39 1.31 -13.72
N VAL A 268 -5.39 1.52 -12.41
CA VAL A 268 -4.94 0.47 -11.50
C VAL A 268 -5.82 -0.76 -11.64
N ASP A 269 -5.23 -1.93 -11.49
CA ASP A 269 -5.97 -3.19 -11.61
C ASP A 269 -6.88 -3.45 -10.41
N VAL A 270 -6.48 -2.99 -9.24
CA VAL A 270 -7.30 -3.21 -8.06
C VAL A 270 -7.31 -2.01 -7.11
N VAL A 271 -8.49 -1.72 -6.56
CA VAL A 271 -8.66 -0.60 -5.65
C VAL A 271 -8.97 -1.14 -4.25
N SER A 272 -8.17 -0.71 -3.29
CA SER A 272 -8.33 -1.12 -1.92
C SER A 272 -9.34 -0.16 -1.31
N LEU A 273 -10.50 -0.68 -0.93
CA LEU A 273 -11.56 0.13 -0.33
C LEU A 273 -11.44 0.15 1.19
N ASP A 274 -11.74 1.29 1.82
CA ASP A 274 -11.67 1.35 3.28
C ASP A 274 -13.02 0.91 3.79
N TRP A 275 -13.18 0.78 5.09
CA TRP A 275 -14.44 0.31 5.66
C TRP A 275 -15.60 1.32 5.68
N THR A 276 -15.34 2.59 5.38
CA THR A 276 -16.42 3.57 5.41
C THR A 276 -17.34 3.48 4.20
N VAL A 277 -16.89 2.80 3.15
CA VAL A 277 -17.68 2.60 1.95
C VAL A 277 -18.22 1.18 1.98
N ASP A 278 -19.53 1.02 1.82
CA ASP A 278 -20.12 -0.32 1.82
C ASP A 278 -19.62 -1.08 0.60
N MET A 279 -19.37 -2.38 0.77
CA MET A 279 -18.86 -3.19 -0.32
C MET A 279 -19.74 -3.13 -1.55
N ALA A 280 -21.04 -3.27 -1.37
CA ALA A 280 -21.95 -3.22 -2.49
C ALA A 280 -21.85 -1.88 -3.19
N ASP A 281 -21.84 -0.81 -2.41
CA ASP A 281 -21.75 0.54 -2.97
C ASP A 281 -20.47 0.73 -3.74
N GLY A 282 -19.36 0.31 -3.12
CA GLY A 282 -18.06 0.43 -3.75
C GLY A 282 -17.97 -0.37 -5.03
N ARG A 283 -18.49 -1.60 -4.99
CA ARG A 283 -18.46 -2.46 -6.16
C ARG A 283 -19.23 -1.80 -7.31
N ARG A 284 -20.29 -1.08 -6.97
CA ARG A 284 -21.10 -0.41 -7.97
C ARG A 284 -20.43 0.88 -8.47
N ARG A 285 -20.05 1.74 -7.53
CA ARG A 285 -19.43 3.03 -7.86
C ARG A 285 -18.09 2.95 -8.57
N LEU A 286 -17.38 1.83 -8.40
CA LEU A 286 -16.09 1.68 -9.04
C LEU A 286 -16.20 1.16 -10.49
N GLY A 287 -17.35 0.61 -10.84
CA GLY A 287 -17.48 0.09 -12.18
C GLY A 287 -17.29 -1.40 -12.06
N PRO A 288 -17.45 -2.16 -13.15
CA PRO A 288 -17.29 -3.61 -13.10
C PRO A 288 -15.94 -4.24 -13.42
N ASN A 289 -15.04 -3.51 -14.06
CA ASN A 289 -13.75 -4.06 -14.45
C ASN A 289 -12.67 -4.18 -13.37
N VAL A 290 -12.52 -3.16 -12.55
CA VAL A 290 -11.50 -3.16 -11.51
C VAL A 290 -11.73 -4.23 -10.43
N ALA A 291 -10.67 -4.68 -9.79
CA ALA A 291 -10.78 -5.66 -8.72
C ALA A 291 -10.82 -4.85 -7.42
N ILE A 292 -11.21 -5.46 -6.31
CA ILE A 292 -11.30 -4.73 -5.04
C ILE A 292 -10.60 -5.45 -3.91
N GLN A 293 -9.85 -4.72 -3.08
CA GLN A 293 -9.19 -5.34 -1.95
C GLN A 293 -9.95 -5.11 -0.65
N GLY A 294 -10.21 -6.23 0.02
CA GLY A 294 -10.91 -6.33 1.30
C GLY A 294 -11.54 -5.08 1.83
N ASN A 295 -12.71 -5.20 2.44
CA ASN A 295 -13.37 -4.00 2.94
C ASN A 295 -13.59 -3.88 4.46
N VAL A 296 -13.53 -5.00 5.15
CA VAL A 296 -13.79 -5.06 6.60
C VAL A 296 -13.13 -4.04 7.51
N ASP A 297 -13.97 -3.49 8.39
CA ASP A 297 -13.55 -2.51 9.37
C ASP A 297 -12.70 -3.24 10.38
N PRO A 298 -11.47 -2.77 10.60
CA PRO A 298 -10.58 -3.41 11.57
C PRO A 298 -11.22 -3.51 12.97
N GLY A 299 -12.08 -2.56 13.29
CA GLY A 299 -12.71 -2.56 14.60
C GLY A 299 -13.70 -3.70 14.77
N VAL A 300 -14.06 -4.35 13.68
CA VAL A 300 -15.00 -5.46 13.71
C VAL A 300 -14.39 -6.66 14.43
N LEU A 301 -13.06 -6.76 14.34
CA LEU A 301 -12.35 -7.86 14.97
C LEU A 301 -12.40 -7.79 16.49
N PHE A 302 -13.09 -6.79 17.02
CA PHE A 302 -13.22 -6.64 18.47
C PHE A 302 -14.59 -7.15 18.88
N GLY A 303 -15.38 -7.56 17.89
CA GLY A 303 -16.71 -8.06 18.16
C GLY A 303 -16.76 -9.55 18.43
N SER A 304 -17.97 -10.07 18.65
CA SER A 304 -18.15 -11.50 18.88
C SER A 304 -17.74 -12.24 17.61
N LYS A 305 -17.41 -13.52 17.74
CA LYS A 305 -17.00 -14.29 16.57
C LYS A 305 -18.14 -14.30 15.57
N GLU A 306 -19.35 -14.49 16.07
CA GLU A 306 -20.52 -14.52 15.20
C GLU A 306 -20.53 -13.25 14.36
N PHE A 307 -20.35 -12.13 15.04
CA PHE A 307 -20.33 -10.83 14.38
C PHE A 307 -19.29 -10.80 13.27
N ILE A 308 -18.05 -11.14 13.58
CA ILE A 308 -17.00 -11.14 12.57
C ILE A 308 -17.42 -11.99 11.36
N THR A 309 -18.00 -13.16 11.64
CA THR A 309 -18.44 -14.06 10.57
C THR A 309 -19.50 -13.40 9.69
N ASN A 310 -20.49 -12.78 10.31
CA ASN A 310 -21.52 -12.10 9.56
C ASN A 310 -20.94 -11.04 8.65
N ARG A 311 -19.98 -10.28 9.17
CA ARG A 311 -19.38 -9.22 8.40
C ARG A 311 -18.54 -9.72 7.24
N ILE A 312 -17.83 -10.82 7.43
CA ILE A 312 -17.01 -11.35 6.36
C ILE A 312 -17.96 -11.84 5.29
N ASN A 313 -19.03 -12.49 5.73
CA ASN A 313 -20.03 -13.01 4.82
C ASN A 313 -20.69 -11.91 4.00
N ASP A 314 -21.12 -10.85 4.67
CA ASP A 314 -21.78 -9.75 4.00
C ASP A 314 -20.82 -9.13 2.99
N THR A 315 -19.58 -8.97 3.41
CA THR A 315 -18.55 -8.36 2.58
C THR A 315 -18.24 -9.17 1.33
N VAL A 316 -18.20 -10.50 1.46
CA VAL A 316 -17.90 -11.35 0.32
C VAL A 316 -19.15 -11.43 -0.57
N LYS A 317 -20.33 -11.45 0.06
CA LYS A 317 -21.55 -11.52 -0.71
C LYS A 317 -21.64 -10.31 -1.63
N LYS A 318 -21.46 -9.13 -1.05
CA LYS A 318 -21.54 -7.89 -1.80
C LYS A 318 -20.43 -7.69 -2.82
N ALA A 319 -19.26 -8.24 -2.56
CA ALA A 319 -18.12 -8.11 -3.47
C ALA A 319 -18.30 -8.90 -4.74
N GLY A 320 -19.02 -10.02 -4.63
CA GLY A 320 -19.23 -10.86 -5.80
C GLY A 320 -18.34 -12.08 -5.77
N LYS A 321 -18.53 -13.00 -6.71
CA LYS A 321 -17.74 -14.22 -6.78
C LYS A 321 -16.54 -14.08 -7.69
N GLY A 322 -15.59 -13.23 -7.31
CA GLY A 322 -14.41 -13.03 -8.12
C GLY A 322 -13.95 -11.60 -8.05
N LYS A 323 -12.78 -11.35 -8.63
CA LYS A 323 -12.21 -10.01 -8.64
C LYS A 323 -12.20 -9.37 -7.25
N HIS A 324 -11.98 -10.18 -6.22
CA HIS A 324 -11.99 -9.66 -4.88
C HIS A 324 -10.95 -10.29 -3.97
N ILE A 325 -10.15 -9.44 -3.32
CA ILE A 325 -9.15 -9.92 -2.39
C ILE A 325 -9.68 -9.49 -1.04
N LEU A 326 -10.24 -10.42 -0.27
CA LEU A 326 -10.77 -10.08 1.06
C LEU A 326 -9.64 -9.54 1.93
N ASN A 327 -9.93 -8.52 2.72
CA ASN A 327 -8.93 -7.89 3.58
C ASN A 327 -9.70 -6.90 4.43
N LEU A 328 -9.00 -6.13 5.24
CA LEU A 328 -9.65 -5.12 6.06
C LEU A 328 -9.64 -3.82 5.27
N GLY A 329 -10.32 -2.79 5.78
CA GLY A 329 -10.33 -1.52 5.10
C GLY A 329 -9.11 -0.71 5.51
N HIS A 330 -8.50 -1.16 6.61
CA HIS A 330 -7.31 -0.53 7.16
C HIS A 330 -6.46 -1.60 7.84
N GLY A 331 -5.50 -1.18 8.67
CA GLY A 331 -4.66 -2.14 9.37
C GLY A 331 -5.24 -2.68 10.66
N ILE A 332 -4.78 -3.85 11.08
CA ILE A 332 -5.25 -4.45 12.32
C ILE A 332 -4.96 -3.52 13.48
N LYS A 333 -5.99 -3.16 14.24
CA LYS A 333 -5.83 -2.27 15.37
C LYS A 333 -4.93 -2.95 16.39
N VAL A 334 -4.08 -2.14 17.03
CA VAL A 334 -3.11 -2.62 18.00
C VAL A 334 -3.54 -3.63 19.07
N GLY A 335 -4.67 -3.42 19.73
CA GLY A 335 -5.07 -4.36 20.77
C GLY A 335 -6.03 -5.47 20.39
N THR A 336 -5.99 -5.90 19.12
CA THR A 336 -6.89 -6.94 18.63
C THR A 336 -6.58 -8.32 19.20
N PRO A 337 -7.61 -9.00 19.72
CA PRO A 337 -7.42 -10.34 20.30
C PRO A 337 -6.93 -11.26 19.18
N GLU A 338 -5.79 -11.92 19.40
CA GLU A 338 -5.24 -12.80 18.36
C GLU A 338 -6.25 -13.85 17.93
N GLU A 339 -7.09 -14.29 18.86
CA GLU A 339 -8.08 -15.32 18.55
C GLU A 339 -9.10 -14.87 17.52
N ASN A 340 -9.60 -13.65 17.67
CA ASN A 340 -10.57 -13.11 16.72
C ASN A 340 -9.89 -12.97 15.36
N PHE A 341 -8.58 -12.86 15.39
CA PHE A 341 -7.77 -12.75 14.19
C PHE A 341 -7.68 -14.10 13.50
N ALA A 342 -7.48 -15.14 14.30
CA ALA A 342 -7.39 -16.49 13.77
C ALA A 342 -8.75 -16.86 13.21
N HIS A 343 -9.79 -16.44 13.91
CA HIS A 343 -11.14 -16.72 13.49
C HIS A 343 -11.42 -16.13 12.11
N PHE A 344 -10.95 -14.90 11.89
CA PHE A 344 -11.16 -14.24 10.61
C PHE A 344 -10.60 -15.08 9.47
N PHE A 345 -9.39 -15.60 9.67
CA PHE A 345 -8.76 -16.42 8.64
C PHE A 345 -9.46 -17.76 8.50
N GLU A 346 -9.96 -18.29 9.62
CA GLU A 346 -10.66 -19.56 9.59
C GLU A 346 -11.89 -19.43 8.73
N ILE A 347 -12.75 -18.47 9.05
CA ILE A 347 -13.96 -18.26 8.29
C ILE A 347 -13.61 -17.92 6.87
N ALA A 348 -12.70 -16.96 6.69
CA ALA A 348 -12.28 -16.52 5.37
C ALA A 348 -11.81 -17.61 4.45
N LYS A 349 -10.93 -18.48 4.96
CA LYS A 349 -10.37 -19.55 4.15
C LYS A 349 -11.36 -20.68 3.83
N GLY A 350 -12.42 -20.79 4.61
CA GLY A 350 -13.40 -21.85 4.38
C GLY A 350 -14.51 -21.44 3.42
N LEU A 351 -14.43 -20.22 2.91
CA LEU A 351 -15.42 -19.69 1.99
C LEU A 351 -15.22 -20.28 0.61
N ARG A 352 -16.31 -20.65 -0.04
CA ARG A 352 -16.25 -21.19 -1.40
C ARG A 352 -17.33 -20.51 -2.23
N TYR A 353 -16.93 -19.95 -3.36
CA TYR A 353 -17.88 -19.28 -4.23
C TYR A 353 -18.91 -20.29 -4.77
S SO4 B . -3.50 5.46 6.26
O1 SO4 B . -2.59 4.46 6.85
O2 SO4 B . -4.51 5.95 7.31
O3 SO4 B . -4.29 4.90 5.02
O4 SO4 B . -2.67 6.64 5.70
S SO4 C . -6.40 8.60 -21.05
O1 SO4 C . -6.00 9.15 -19.77
O2 SO4 C . -6.97 7.22 -20.86
O3 SO4 C . -7.45 9.47 -21.78
O4 SO4 C . -5.18 8.60 -21.99
S SO4 D . 0.09 20.18 10.83
O1 SO4 D . -0.21 20.98 12.00
O2 SO4 D . -0.65 20.72 9.63
O3 SO4 D . 1.61 20.11 10.47
O4 SO4 D . -0.30 18.71 11.13
S SO4 E . 18.46 13.60 -13.07
O1 SO4 E . 19.80 14.08 -12.78
O2 SO4 E . 18.01 14.11 -14.42
O3 SO4 E . 18.36 12.05 -13.06
O4 SO4 E . 17.52 14.04 -11.95
S SO4 F . 7.50 -13.82 -11.99
O1 SO4 F . 8.88 -13.73 -12.55
O2 SO4 F . 6.48 -13.40 -13.07
O3 SO4 F . 7.11 -15.28 -11.50
O4 SO4 F . 7.39 -12.95 -10.70
#